data_2XP1
#
_entry.id   2XP1
#
_cell.length_a   59.100
_cell.length_b   49.776
_cell.length_c   59.532
_cell.angle_alpha   90.00
_cell.angle_beta   90.00
_cell.angle_gamma   90.00
#
_symmetry.space_group_name_H-M   'P 21 21 2'
#
loop_
_entity.id
_entity.type
_entity.pdbx_description
1 polymer SPT6
2 non-polymer 'SULFATE ION'
3 non-polymer 'CHLORIDE ION'
4 water water
#
_entity_poly.entity_id   1
_entity_poly.type   'polypeptide(L)'
_entity_poly.pdbx_seq_one_letter_code
;GSHMKYTNPRFYKHPLFKNFNVTESENYLRSSTDDFLIRKGSRHGYCVLVIKFASDVFVHMKIEEHSEHYTCSNKHFEDI
DEVISVYVRPILRNLKSIKAHAKYFNSPEDAEKLLSSFDGSKVVYAFYFSRKYPGKLTFAYNNGSILEEYIGVSDMLTYN
NSTFKDIDSFVAYRKRLK
;
_entity_poly.pdbx_strand_id   A
#
loop_
_chem_comp.id
_chem_comp.type
_chem_comp.name
_chem_comp.formula
CL non-polymer 'CHLORIDE ION' 'Cl -1'
SO4 non-polymer 'SULFATE ION' 'O4 S -2'
#
# COMPACT_ATOMS: atom_id res chain seq x y z
N SER A 2 16.42 14.84 -10.34
CA SER A 2 16.70 15.69 -11.50
C SER A 2 17.83 16.64 -11.12
N HIS A 3 17.99 17.70 -11.86
CA HIS A 3 18.49 18.87 -11.16
C HIS A 3 17.73 20.14 -11.36
N MET A 4 18.07 21.15 -10.57
CA MET A 4 17.11 22.20 -10.34
C MET A 4 16.78 22.91 -11.62
N LYS A 5 15.54 23.35 -11.71
CA LYS A 5 15.08 24.11 -12.83
C LYS A 5 14.66 25.46 -12.31
N TYR A 6 14.35 26.37 -13.23
CA TYR A 6 14.08 27.76 -12.91
C TYR A 6 12.59 28.01 -12.75
N THR A 7 11.82 27.05 -13.21
CA THR A 7 10.36 27.08 -13.18
C THR A 7 9.90 26.17 -12.06
N ASN A 8 8.73 26.43 -11.48
CA ASN A 8 8.22 25.51 -10.46
C ASN A 8 7.95 24.15 -11.08
N PRO A 9 8.16 23.08 -10.29
CA PRO A 9 7.80 21.77 -10.80
C PRO A 9 6.33 21.81 -11.20
N ARG A 10 6.01 21.20 -12.33
CA ARG A 10 4.65 21.17 -12.84
C ARG A 10 3.62 20.54 -11.88
N PHE A 11 4.05 19.59 -11.06
CA PHE A 11 3.09 18.96 -10.18
C PHE A 11 2.54 19.91 -9.10
N TYR A 12 3.20 21.05 -8.89
CA TYR A 12 2.69 22.07 -7.94
C TYR A 12 1.31 22.54 -8.36
N LYS A 13 1.09 22.64 -9.66
CA LYS A 13 -0.18 23.09 -10.23
C LYS A 13 -1.30 22.01 -10.13
N HIS A 14 -0.92 20.79 -9.76
CA HIS A 14 -1.91 19.72 -9.72
C HIS A 14 -2.78 19.79 -8.46
N PRO A 15 -4.09 19.58 -8.61
CA PRO A 15 -5.05 19.66 -7.49
C PRO A 15 -4.82 18.62 -6.38
N LEU A 16 -4.16 17.52 -6.69
CA LEU A 16 -3.94 16.56 -5.64
C LEU A 16 -2.71 16.84 -4.85
N PHE A 17 -1.89 17.77 -5.35
CA PHE A 17 -0.66 18.14 -4.67
C PHE A 17 -0.95 18.95 -3.41
N LYS A 18 -0.44 18.47 -2.28
CA LYS A 18 -0.55 19.16 -1.00
C LYS A 18 0.86 19.50 -0.53
N ASN A 19 1.01 20.71 -0.02
CA ASN A 19 2.27 21.17 0.47
C ASN A 19 2.47 20.64 1.87
N PHE A 20 2.70 19.33 2.00
CA PHE A 20 2.89 18.69 3.31
C PHE A 20 4.21 17.97 3.34
N ASN A 21 4.75 17.80 4.54
CA ASN A 21 5.87 16.90 4.76
C ASN A 21 5.30 15.53 5.12
N VAL A 22 6.14 14.58 5.51
CA VAL A 22 5.68 13.27 5.97
C VAL A 22 4.60 13.36 7.10
N THR A 23 4.95 13.96 8.25
CA THR A 23 4.01 13.99 9.39
C THR A 23 2.67 14.65 9.06
N GLU A 24 2.72 15.80 8.40
CA GLU A 24 1.52 16.52 8.02
C GLU A 24 0.62 15.70 7.09
N SER A 25 1.24 14.94 6.17
CA SER A 25 0.48 14.07 5.23
C SER A 25 -0.26 12.98 5.96
N GLU A 26 0.45 12.31 6.85
CA GLU A 26 -0.09 11.21 7.58
C GLU A 26 -1.12 11.77 8.53
N ASN A 27 -0.80 12.85 9.22
CA ASN A 27 -1.79 13.56 10.05
C ASN A 27 -3.06 13.87 9.30
N TYR A 28 -2.91 14.52 8.16
CA TYR A 28 -4.03 14.93 7.37
C TYR A 28 -4.80 13.71 6.93
N LEU A 29 -4.11 12.65 6.53
CA LEU A 29 -4.78 11.45 6.12
C LEU A 29 -5.42 10.71 7.31
N ARG A 30 -4.82 10.80 8.50
CA ARG A 30 -5.37 10.10 9.68
C ARG A 30 -6.82 10.55 9.89
N SER A 31 -7.06 11.85 9.76
CA SER A 31 -8.35 12.45 10.09
C SER A 31 -9.18 12.93 8.89
N SER A 32 -8.74 12.58 7.68
CA SER A 32 -9.51 12.86 6.44
C SER A 32 -10.25 11.56 6.01
N THR A 33 -11.30 11.71 5.21
CA THR A 33 -11.87 10.54 4.51
C THR A 33 -10.96 10.13 3.32
N ASP A 34 -10.13 11.08 2.85
CA ASP A 34 -9.19 10.87 1.73
C ASP A 34 -8.30 9.65 1.96
N ASP A 35 -8.04 8.91 0.87
CA ASP A 35 -7.26 7.69 0.93
C ASP A 35 -5.81 7.90 0.54
N PHE A 36 -5.52 9.00 -0.18
CA PHE A 36 -4.16 9.32 -0.69
C PHE A 36 -4.02 10.80 -1.02
N LEU A 37 -2.79 11.24 -1.17
CA LEU A 37 -2.56 12.63 -1.64
C LEU A 37 -1.19 12.53 -2.21
N ILE A 38 -0.73 13.61 -2.80
CA ILE A 38 0.63 13.69 -3.27
C ILE A 38 1.24 14.83 -2.49
N ARG A 39 2.41 14.60 -1.92
CA ARG A 39 3.04 15.61 -1.09
C ARG A 39 4.33 16.08 -1.75
N LYS A 40 4.95 17.10 -1.16
CA LYS A 40 6.26 17.65 -1.61
C LYS A 40 7.38 16.65 -1.29
N GLY A 41 8.40 16.56 -2.14
CA GLY A 41 9.61 15.78 -1.83
C GLY A 41 10.68 16.67 -1.19
N SER A 42 11.56 16.09 -0.37
CA SER A 42 12.51 16.91 0.41
C SER A 42 13.63 17.48 -0.43
N ARG A 43 13.73 17.00 -1.67
CA ARG A 43 14.73 17.49 -2.60
C ARG A 43 14.03 17.65 -3.93
N HIS A 44 14.65 18.38 -4.87
CA HIS A 44 14.06 18.65 -6.20
C HIS A 44 13.76 17.45 -7.10
N GLY A 45 12.86 17.63 -8.06
CA GLY A 45 12.68 16.65 -9.14
C GLY A 45 11.52 15.69 -8.98
N TYR A 46 10.92 15.64 -7.79
CA TYR A 46 9.88 14.64 -7.54
C TYR A 46 8.85 15.09 -6.50
N CYS A 47 7.66 14.48 -6.57
CA CYS A 47 6.73 14.55 -5.46
C CYS A 47 6.54 13.12 -4.96
N VAL A 48 5.71 12.94 -3.94
CA VAL A 48 5.55 11.65 -3.33
C VAL A 48 4.08 11.36 -3.11
N LEU A 49 3.67 10.21 -3.61
CA LEU A 49 2.33 9.70 -3.46
C LEU A 49 2.30 9.08 -2.08
N VAL A 50 1.29 9.44 -1.29
CA VAL A 50 1.11 8.86 0.03
C VAL A 50 -0.29 8.23 -0.05
N ILE A 51 -0.33 6.91 0.18
CA ILE A 51 -1.56 6.12 0.28
C ILE A 51 -1.73 5.61 1.73
N LYS A 52 -2.87 5.88 2.33
CA LYS A 52 -3.19 5.41 3.68
C LYS A 52 -3.67 3.95 3.57
N PHE A 53 -2.89 3.01 4.09
CA PHE A 53 -3.32 1.60 4.03
C PHE A 53 -4.27 1.30 5.17
N ALA A 54 -4.00 1.94 6.33
CA ALA A 54 -4.76 1.81 7.54
C ALA A 54 -4.31 2.99 8.40
N SER A 55 -5.10 3.27 9.44
CA SER A 55 -4.87 4.34 10.42
C SER A 55 -3.42 4.70 10.76
N ASP A 56 -2.55 3.69 10.83
CA ASP A 56 -1.16 3.93 11.13
C ASP A 56 -0.26 3.29 10.10
N VAL A 57 -0.80 2.96 8.92
CA VAL A 57 0.04 2.45 7.83
C VAL A 57 -0.01 3.34 6.62
N PHE A 58 1.12 3.94 6.29
CA PHE A 58 1.16 4.82 5.12
C PHE A 58 2.23 4.40 4.12
N VAL A 59 1.90 4.39 2.83
CA VAL A 59 2.88 4.08 1.84
C VAL A 59 3.22 5.35 1.09
N HIS A 60 4.52 5.65 1.02
CA HIS A 60 5.07 6.81 0.33
C HIS A 60 5.82 6.36 -0.91
N MET A 61 5.34 6.72 -2.11
CA MET A 61 6.03 6.36 -3.34
C MET A 61 6.55 7.55 -4.13
N LYS A 62 7.86 7.61 -4.37
CA LYS A 62 8.45 8.67 -5.17
C LYS A 62 7.84 8.76 -6.61
N ILE A 63 7.37 9.94 -7.01
CA ILE A 63 6.91 10.18 -8.37
C ILE A 63 7.83 11.18 -8.92
N GLU A 64 8.63 10.77 -9.91
CA GLU A 64 9.57 11.67 -10.53
C GLU A 64 8.97 12.45 -11.70
N GLU A 65 9.31 13.73 -11.77
CA GLU A 65 8.88 14.58 -12.87
C GLU A 65 10.02 14.79 -13.80
N HIS A 66 9.79 14.42 -15.06
CA HIS A 66 10.74 14.61 -16.14
C HIS A 66 10.08 15.57 -17.10
N SER A 67 10.72 15.84 -18.23
CA SER A 67 10.26 16.92 -19.11
C SER A 67 8.79 16.86 -19.58
N GLU A 68 8.29 15.67 -19.93
CA GLU A 68 6.86 15.55 -20.20
C GLU A 68 6.19 14.49 -19.35
N HIS A 69 6.87 13.35 -19.20
CA HIS A 69 6.34 12.25 -18.41
C HIS A 69 6.74 12.27 -16.93
N TYR A 70 6.07 11.43 -16.16
CA TYR A 70 6.42 11.14 -14.80
C TYR A 70 6.86 9.66 -14.74
N THR A 71 7.58 9.28 -13.69
CA THR A 71 7.80 7.87 -13.39
C THR A 71 7.44 7.60 -11.96
N CYS A 72 6.88 6.42 -11.74
CA CYS A 72 6.51 5.96 -10.39
C CYS A 72 6.64 4.44 -10.39
N SER A 73 7.28 3.90 -9.35
CA SER A 73 7.62 2.45 -9.28
C SER A 73 8.07 1.79 -10.60
N ASN A 74 9.07 2.42 -11.22
CA ASN A 74 9.73 1.90 -12.44
C ASN A 74 8.87 1.92 -13.69
N LYS A 75 7.64 2.42 -13.56
CA LYS A 75 6.66 2.52 -14.61
C LYS A 75 6.69 3.97 -15.08
N HIS A 76 6.21 4.19 -16.29
CA HIS A 76 6.24 5.48 -16.90
C HIS A 76 4.81 6.01 -17.08
N PHE A 77 4.54 7.29 -16.83
CA PHE A 77 3.17 7.87 -16.94
C PHE A 77 3.11 9.18 -17.68
N GLU A 78 2.13 9.33 -18.57
CA GLU A 78 1.97 10.58 -19.35
C GLU A 78 1.81 11.82 -18.45
N ASP A 79 1.12 11.67 -17.31
CA ASP A 79 0.85 12.77 -16.38
C ASP A 79 0.50 12.24 -15.00
N ILE A 80 0.23 13.13 -14.04
CA ILE A 80 -0.16 12.67 -12.71
C ILE A 80 -1.49 11.92 -12.70
N ASP A 81 -2.48 12.44 -13.44
CA ASP A 81 -3.80 11.76 -13.58
C ASP A 81 -3.62 10.30 -13.97
N GLU A 82 -2.74 10.04 -14.94
CA GLU A 82 -2.43 8.65 -15.34
C GLU A 82 -1.81 7.86 -14.18
N VAL A 83 -0.93 8.44 -13.36
CA VAL A 83 -0.43 7.73 -12.13
C VAL A 83 -1.63 7.28 -11.30
N ILE A 84 -2.58 8.18 -11.10
CA ILE A 84 -3.75 7.85 -10.29
C ILE A 84 -4.67 6.75 -10.84
N SER A 85 -5.03 6.84 -12.13
CA SER A 85 -5.93 5.82 -12.69
C SER A 85 -5.20 4.53 -12.92
N VAL A 86 -4.02 4.61 -13.51
CA VAL A 86 -3.31 3.40 -13.88
C VAL A 86 -2.72 2.74 -12.67
N TYR A 87 -2.36 3.52 -11.65
CA TYR A 87 -1.56 3.00 -10.57
C TYR A 87 -2.24 3.01 -9.21
N VAL A 88 -2.75 4.17 -8.80
CA VAL A 88 -3.39 4.33 -7.47
C VAL A 88 -4.80 3.68 -7.30
N ARG A 89 -5.75 3.95 -8.21
CA ARG A 89 -7.10 3.38 -8.06
C ARG A 89 -7.12 1.85 -7.87
N PRO A 90 -6.35 1.11 -8.71
CA PRO A 90 -6.35 -0.36 -8.55
C PRO A 90 -5.73 -0.81 -7.24
N ILE A 91 -4.72 -0.08 -6.75
CA ILE A 91 -4.27 -0.29 -5.35
C ILE A 91 -5.44 -0.13 -4.40
N LEU A 92 -6.21 0.94 -4.54
CA LEU A 92 -7.34 1.17 -3.63
C LEU A 92 -8.39 0.09 -3.76
N ARG A 93 -8.63 -0.38 -4.98
CA ARG A 93 -9.58 -1.45 -5.23
C ARG A 93 -9.10 -2.72 -4.51
N ASN A 94 -7.82 -3.00 -4.66
CA ASN A 94 -7.17 -4.04 -3.90
C ASN A 94 -7.30 -3.91 -2.36
N LEU A 95 -6.93 -2.74 -1.81
CA LEU A 95 -7.05 -2.50 -0.37
C LEU A 95 -8.48 -2.73 0.10
N LYS A 96 -9.47 -2.27 -0.70
CA LYS A 96 -10.88 -2.46 -0.30
C LYS A 96 -11.23 -3.94 -0.09
N SER A 97 -10.82 -4.79 -1.05
CA SER A 97 -11.11 -6.25 -1.00
C SER A 97 -10.46 -6.87 0.18
N ILE A 98 -9.20 -6.51 0.38
CA ILE A 98 -8.37 -7.06 1.43
C ILE A 98 -9.11 -6.89 2.76
N LYS A 99 -9.55 -5.67 3.05
CA LYS A 99 -10.16 -5.38 4.36
C LYS A 99 -11.57 -5.88 4.48
N ALA A 100 -12.16 -6.22 3.35
CA ALA A 100 -13.47 -6.88 3.34
C ALA A 100 -13.34 -8.35 3.73
N HIS A 101 -12.18 -8.94 3.49
CA HIS A 101 -12.07 -10.39 3.61
C HIS A 101 -12.41 -10.88 5.00
N ALA A 102 -13.15 -12.00 5.03
CA ALA A 102 -13.41 -12.73 6.27
C ALA A 102 -12.15 -12.81 7.16
N LYS A 103 -10.99 -13.13 6.54
CA LYS A 103 -9.74 -13.42 7.26
C LYS A 103 -8.82 -12.21 7.55
N TYR A 104 -9.23 -11.01 7.13
CA TYR A 104 -8.50 -9.78 7.46
C TYR A 104 -8.77 -9.26 8.87
N PHE A 105 -7.71 -8.90 9.60
CA PHE A 105 -7.84 -8.13 10.85
C PHE A 105 -7.08 -6.81 10.77
N ASN A 106 -7.54 -5.83 11.57
CA ASN A 106 -6.94 -4.49 11.70
C ASN A 106 -5.68 -4.39 12.54
N SER A 107 -5.50 -5.27 13.50
CA SER A 107 -4.19 -5.30 14.15
C SER A 107 -3.66 -6.72 14.35
N PRO A 108 -2.32 -6.86 14.24
CA PRO A 108 -1.58 -8.04 14.68
C PRO A 108 -2.02 -8.49 16.06
N GLU A 109 -2.01 -7.53 16.99
CA GLU A 109 -2.46 -7.69 18.38
C GLU A 109 -3.86 -8.33 18.44
N ASP A 110 -4.72 -8.00 17.48
CA ASP A 110 -6.12 -8.47 17.46
C ASP A 110 -6.37 -9.65 16.50
N ALA A 111 -5.41 -9.91 15.62
CA ALA A 111 -5.37 -11.18 14.89
C ALA A 111 -4.68 -12.22 15.77
N GLU A 112 -4.28 -11.78 16.96
CA GLU A 112 -3.68 -12.63 17.99
C GLU A 112 -4.68 -13.65 18.54
N LYS A 113 -5.90 -13.22 18.83
CA LYS A 113 -6.92 -14.12 19.41
C LYS A 113 -7.08 -15.36 18.56
N LEU A 114 -7.35 -15.13 17.28
CA LEU A 114 -7.63 -16.20 16.34
C LEU A 114 -6.46 -17.18 16.22
N LEU A 115 -5.24 -16.66 16.08
CA LEU A 115 -4.05 -17.52 15.98
C LEU A 115 -3.85 -18.43 17.22
N SER A 116 -4.42 -18.03 18.36
CA SER A 116 -4.25 -18.75 19.62
C SER A 116 -5.31 -19.78 19.85
N SER A 117 -6.35 -19.74 19.01
CA SER A 117 -7.51 -20.63 19.12
C SER A 117 -7.22 -22.03 18.56
N PHE A 118 -6.02 -22.18 18.00
CA PHE A 118 -5.52 -23.40 17.33
C PHE A 118 -5.69 -24.67 18.19
N ASP A 119 -6.40 -25.67 17.63
CA ASP A 119 -6.71 -26.96 18.27
C ASP A 119 -5.70 -28.03 17.97
N GLY A 120 -5.19 -28.00 16.74
CA GLY A 120 -4.55 -29.14 16.12
C GLY A 120 -5.45 -29.65 15.01
N SER A 121 -6.67 -29.13 14.97
CA SER A 121 -7.68 -29.56 13.98
C SER A 121 -7.46 -29.03 12.56
N LYS A 122 -6.92 -27.83 12.44
CA LYS A 122 -6.68 -27.24 11.14
C LYS A 122 -5.64 -26.15 11.28
N VAL A 123 -5.07 -25.73 10.15
CA VAL A 123 -4.27 -24.51 10.10
C VAL A 123 -5.16 -23.29 10.25
N VAL A 124 -4.76 -22.42 11.18
CA VAL A 124 -5.46 -21.20 11.49
C VAL A 124 -4.63 -20.08 10.88
N TYR A 125 -5.28 -19.17 10.18
CA TYR A 125 -4.51 -18.15 9.54
C TYR A 125 -5.23 -16.85 9.54
N ALA A 126 -4.47 -15.76 9.47
CA ALA A 126 -5.05 -14.44 9.57
C ALA A 126 -4.30 -13.55 8.66
N PHE A 127 -4.89 -12.41 8.31
CA PHE A 127 -4.18 -11.40 7.51
C PHE A 127 -4.27 -10.05 8.19
N TYR A 128 -3.18 -9.30 8.17
CA TYR A 128 -3.12 -7.93 8.66
C TYR A 128 -2.01 -7.18 7.94
N PHE A 129 -2.15 -5.86 7.82
CA PHE A 129 -1.13 -5.07 7.14
C PHE A 129 0.07 -4.99 8.03
N SER A 130 1.24 -5.03 7.39
CA SER A 130 2.53 -4.90 8.07
C SER A 130 2.77 -3.45 8.44
N ARG A 131 3.24 -3.25 9.67
CA ARG A 131 3.71 -1.94 10.15
C ARG A 131 5.24 -1.81 9.97
N LYS A 132 5.96 -2.93 10.02
CA LYS A 132 7.39 -2.94 9.79
C LYS A 132 7.70 -2.64 8.34
N TYR A 133 6.81 -3.08 7.43
CA TYR A 133 6.97 -2.80 6.01
C TYR A 133 5.69 -2.27 5.36
N PRO A 134 5.43 -0.96 5.55
CA PRO A 134 4.19 -0.41 5.06
C PRO A 134 4.10 -0.71 3.60
N GLY A 135 2.97 -1.24 3.18
CA GLY A 135 2.80 -1.68 1.79
C GLY A 135 2.73 -3.20 1.71
N LYS A 136 3.23 -3.90 2.72
CA LYS A 136 3.07 -5.36 2.78
C LYS A 136 1.85 -5.84 3.59
N LEU A 137 1.16 -6.84 3.07
CA LEU A 137 0.18 -7.57 3.89
C LEU A 137 0.84 -8.78 4.53
N THR A 138 0.72 -8.91 5.84
CA THR A 138 1.22 -10.09 6.55
C THR A 138 0.20 -11.21 6.53
N PHE A 139 0.64 -12.36 6.01
CA PHE A 139 -0.10 -13.62 6.10
C PHE A 139 0.50 -14.40 7.27
N ALA A 140 -0.29 -14.56 8.33
CA ALA A 140 0.12 -15.24 9.56
C ALA A 140 -0.61 -16.56 9.68
N TYR A 141 0.12 -17.61 10.01
CA TYR A 141 -0.53 -18.88 10.17
C TYR A 141 0.01 -19.75 11.29
N ASN A 142 -0.88 -20.56 11.86
CA ASN A 142 -0.53 -21.44 12.96
C ASN A 142 -0.83 -22.91 12.63
N ASN A 143 0.25 -23.70 12.53
CA ASN A 143 0.21 -25.14 12.24
C ASN A 143 0.86 -25.95 13.38
N GLY A 144 1.10 -25.30 14.51
CA GLY A 144 1.94 -25.82 15.57
C GLY A 144 2.70 -24.61 16.07
N SER A 145 3.45 -23.97 15.16
CA SER A 145 4.04 -22.66 15.42
C SER A 145 3.52 -21.53 14.50
N ILE A 146 3.39 -20.33 15.06
CA ILE A 146 2.98 -19.15 14.30
C ILE A 146 4.13 -18.67 13.36
N LEU A 147 3.93 -18.84 12.05
CA LEU A 147 4.84 -18.33 10.99
C LEU A 147 4.20 -17.12 10.29
N GLU A 148 4.99 -16.35 9.52
CA GLU A 148 4.48 -15.14 8.87
C GLU A 148 5.11 -14.98 7.51
N GLU A 149 4.36 -14.43 6.56
CA GLU A 149 4.87 -14.23 5.22
C GLU A 149 4.37 -12.91 4.70
N TYR A 150 5.15 -12.29 3.84
CA TYR A 150 4.78 -11.00 3.34
C TYR A 150 4.19 -11.09 1.96
N ILE A 151 3.06 -10.42 1.76
CA ILE A 151 2.50 -10.33 0.44
C ILE A 151 2.56 -8.88 0.00
N GLY A 152 2.99 -8.63 -1.23
CA GLY A 152 3.03 -7.24 -1.75
C GLY A 152 1.64 -6.75 -2.09
N VAL A 153 1.37 -5.48 -1.86
CA VAL A 153 0.07 -4.94 -2.25
C VAL A 153 0.21 -3.82 -3.30
N SER A 154 -0.13 -4.15 -4.54
CA SER A 154 -0.07 -3.26 -5.67
C SER A 154 -1.47 -3.37 -6.31
N ASP A 155 -1.60 -3.53 -7.62
CA ASP A 155 -2.93 -3.81 -8.16
C ASP A 155 -3.28 -5.26 -7.93
N MET A 156 -2.26 -6.03 -7.62
CA MET A 156 -2.41 -7.42 -7.36
C MET A 156 -1.81 -7.68 -6.03
N LEU A 157 -2.01 -8.90 -5.57
CA LEU A 157 -1.29 -9.43 -4.44
C LEU A 157 -0.13 -10.22 -5.03
N THR A 158 1.07 -9.94 -4.51
CA THR A 158 2.25 -10.63 -5.01
C THR A 158 2.94 -11.38 -3.88
N TYR A 159 3.32 -12.60 -4.18
CA TYR A 159 3.85 -13.52 -3.22
C TYR A 159 4.95 -14.30 -3.92
N ASN A 160 6.20 -13.94 -3.63
CA ASN A 160 7.36 -14.58 -4.28
C ASN A 160 7.27 -14.32 -5.75
N ASN A 161 7.28 -15.41 -6.49
CA ASN A 161 7.15 -15.37 -7.93
C ASN A 161 5.72 -14.97 -8.33
N SER A 162 4.75 -15.43 -7.54
CA SER A 162 3.35 -15.52 -7.95
C SER A 162 2.52 -14.26 -7.69
N THR A 163 1.36 -14.19 -8.32
CA THR A 163 0.54 -13.00 -8.37
C THR A 163 -0.94 -13.40 -8.28
N PHE A 164 -1.73 -12.63 -7.53
CA PHE A 164 -3.16 -12.92 -7.22
C PHE A 164 -4.08 -11.68 -7.23
N LYS A 165 -5.29 -11.83 -7.77
CA LYS A 165 -6.28 -10.75 -7.71
C LYS A 165 -6.83 -10.46 -6.30
N ASP A 166 -6.87 -11.49 -5.45
CA ASP A 166 -7.48 -11.39 -4.11
C ASP A 166 -6.96 -12.48 -3.17
N ILE A 167 -7.27 -12.32 -1.88
CA ILE A 167 -6.86 -13.26 -0.83
C ILE A 167 -7.27 -14.72 -1.08
N ASP A 168 -8.52 -14.83 -1.57
CA ASP A 168 -9.15 -16.10 -1.86
C ASP A 168 -8.32 -17.02 -2.74
N SER A 169 -7.85 -16.46 -3.88
CA SER A 169 -7.05 -17.25 -4.83
C SER A 169 -5.68 -17.50 -4.24
N PHE A 170 -5.16 -16.50 -3.52
CA PHE A 170 -3.92 -16.68 -2.76
C PHE A 170 -4.04 -17.86 -1.79
N VAL A 171 -5.08 -17.84 -0.96
CA VAL A 171 -5.37 -18.95 -0.05
C VAL A 171 -5.34 -20.28 -0.79
N ALA A 172 -6.09 -20.34 -1.90
CA ALA A 172 -6.21 -21.54 -2.71
C ALA A 172 -4.83 -22.09 -3.10
N TYR A 173 -3.95 -21.20 -3.54
CA TYR A 173 -2.61 -21.56 -3.97
C TYR A 173 -1.73 -22.01 -2.78
N ARG A 174 -1.78 -21.23 -1.71
CA ARG A 174 -0.94 -21.44 -0.52
C ARG A 174 -1.12 -22.81 0.15
N LYS A 175 -2.36 -23.30 0.15
CA LYS A 175 -2.68 -24.62 0.78
C LYS A 175 -2.20 -25.86 -0.01
N ARG A 176 -2.36 -25.85 -1.33
CA ARG A 176 -2.35 -27.06 -2.15
C ARG A 176 -1.24 -27.03 -3.20
S SO4 B . 11.22 12.35 0.96
O1 SO4 B . 10.14 11.38 1.12
O2 SO4 B . 10.72 13.71 0.79
O3 SO4 B . 11.97 11.95 -0.22
O4 SO4 B . 12.10 12.36 2.12
S SO4 C . 4.89 -6.86 10.78
O1 SO4 C . 5.59 -7.46 11.91
O2 SO4 C . 4.53 -5.47 11.12
O3 SO4 C . 3.66 -7.60 10.48
O4 SO4 C . 5.74 -6.90 9.60
CL CL D . 9.63 9.93 -20.50
#